data_1DFW
#
_entry.id   1DFW
#
_cell.length_a   1
_cell.length_b   1
_cell.length_c   1
_cell.angle_alpha   90.
_cell.angle_beta   90.
_cell.angle_gamma   90
#
_symmetry.space_group_name_H-M   'P 1'
#
_entity_poly.entity_id   1
_entity_poly.type   'polypeptide(L)'
_entity_poly.pdbx_seq_one_letter_code
;FPIPLPYCWLCRALIKRIQAMIPKG
;
_entity_poly.pdbx_strand_id   A
#
# COMPACT_ATOMS: atom_id res chain seq x y z
N PHE A 1 13.43 -3.90 2.43
CA PHE A 1 13.92 -4.02 1.03
C PHE A 1 12.91 -3.38 0.01
N PRO A 2 13.01 -2.07 -0.39
CA PRO A 2 12.05 -1.44 -1.36
C PRO A 2 12.12 -1.93 -2.85
N ILE A 3 11.44 -3.04 -3.14
CA ILE A 3 11.39 -3.66 -4.51
C ILE A 3 10.04 -3.32 -5.25
N PRO A 4 9.97 -2.51 -6.36
CA PRO A 4 8.68 -2.20 -7.05
C PRO A 4 8.16 -3.33 -8.00
N LEU A 5 7.47 -4.32 -7.40
CA LEU A 5 6.88 -5.48 -8.13
C LEU A 5 5.39 -5.20 -8.57
N PRO A 6 4.97 -5.25 -9.87
CA PRO A 6 3.55 -4.99 -10.26
C PRO A 6 2.56 -6.18 -9.98
N TYR A 7 2.12 -6.28 -8.72
CA TYR A 7 1.19 -7.33 -8.25
C TYR A 7 0.00 -6.69 -7.45
N CYS A 8 -1.25 -7.04 -7.80
CA CYS A 8 -2.49 -6.50 -7.13
C CYS A 8 -2.57 -6.67 -5.57
N TRP A 9 -2.25 -7.87 -5.04
CA TRP A 9 -2.27 -8.18 -3.55
C TRP A 9 -1.17 -7.32 -2.80
N LEU A 10 0.05 -7.09 -3.38
CA LEU A 10 1.15 -6.27 -2.76
C LEU A 10 0.59 -4.76 -2.74
N CYS A 11 0.02 -4.21 -3.85
CA CYS A 11 -0.56 -2.82 -3.95
C CYS A 11 -1.69 -2.65 -2.82
N ARG A 12 -2.60 -3.64 -2.63
CA ARG A 12 -3.69 -3.61 -1.58
C ARG A 12 -2.98 -3.53 -0.13
N ALA A 13 -1.92 -4.35 0.16
CA ALA A 13 -1.17 -4.34 1.47
C ALA A 13 -0.49 -2.89 1.68
N LEU A 14 0.08 -2.25 0.63
CA LEU A 14 0.72 -0.88 0.72
C LEU A 14 -0.45 0.17 1.03
N ILE A 15 -1.63 0.13 0.36
CA ILE A 15 -2.81 1.07 0.58
C ILE A 15 -3.27 0.90 2.11
N LYS A 16 -3.44 -0.35 2.63
CA LYS A 16 -3.85 -0.62 4.05
C LYS A 16 -2.73 -0.02 5.04
N ARG A 17 -1.41 -0.20 4.77
CA ARG A 17 -0.28 0.36 5.62
C ARG A 17 -0.34 1.95 5.62
N ILE A 18 -0.55 2.65 4.46
CA ILE A 18 -0.64 4.16 4.37
C ILE A 18 -1.91 4.61 5.23
N GLN A 19 -3.09 3.94 5.11
CA GLN A 19 -4.36 4.25 5.88
C GLN A 19 -4.07 4.03 7.44
N ALA A 20 -3.29 3.00 7.87
CA ALA A 20 -2.95 2.72 9.30
C ALA A 20 -1.97 3.88 9.84
N MET A 21 -1.04 4.44 9.01
CA MET A 21 -0.13 5.52 9.44
C MET A 21 -0.89 6.93 9.51
N ILE A 22 -1.72 7.32 8.52
CA ILE A 22 -2.47 8.62 8.51
C ILE A 22 -3.99 8.39 8.77
N PRO A 23 -4.61 8.80 9.93
CA PRO A 23 -6.06 8.58 10.18
C PRO A 23 -7.03 9.53 9.39
N LYS A 24 -8.13 8.96 8.87
CA LYS A 24 -9.15 9.72 8.09
C LYS A 24 -10.27 10.32 9.01
N GLY A 25 -10.00 11.48 9.63
CA GLY A 25 -10.97 12.17 10.53
C GLY A 25 -11.19 11.52 11.92
N PHE A 1 18.41 -8.70 -6.08
CA PHE A 1 18.19 -7.37 -6.70
C PHE A 1 16.67 -6.93 -6.65
N PRO A 2 16.28 -5.67 -6.27
CA PRO A 2 14.85 -5.25 -6.22
C PRO A 2 14.23 -4.95 -7.64
N ILE A 3 13.65 -5.99 -8.27
CA ILE A 3 13.02 -5.90 -9.62
C ILE A 3 11.54 -5.33 -9.56
N PRO A 4 11.11 -4.24 -10.29
CA PRO A 4 9.72 -3.73 -10.21
C PRO A 4 8.57 -4.68 -10.74
N LEU A 5 7.91 -5.39 -9.81
CA LEU A 5 6.80 -6.33 -10.14
C LEU A 5 5.39 -5.73 -9.78
N PRO A 6 4.48 -5.32 -10.73
CA PRO A 6 3.15 -4.75 -10.37
C PRO A 6 2.05 -5.81 -10.00
N TYR A 7 2.13 -6.32 -8.76
CA TYR A 7 1.18 -7.34 -8.24
C TYR A 7 0.00 -6.69 -7.44
N CYS A 8 -1.25 -7.04 -7.80
CA CYS A 8 -2.49 -6.50 -7.13
C CYS A 8 -2.57 -6.67 -5.57
N TRP A 9 -2.25 -7.87 -5.04
CA TRP A 9 -2.27 -8.18 -3.55
C TRP A 9 -1.17 -7.32 -2.80
N LEU A 10 0.04 -7.10 -3.38
CA LEU A 10 1.15 -6.27 -2.76
C LEU A 10 0.59 -4.76 -2.74
N CYS A 11 0.02 -4.21 -3.85
CA CYS A 11 -0.56 -2.82 -3.95
C CYS A 11 -1.69 -2.65 -2.82
N ARG A 12 -2.60 -3.64 -2.63
CA ARG A 12 -3.69 -3.61 -1.58
C ARG A 12 -2.98 -3.53 -0.13
N ALA A 13 -1.92 -4.35 0.16
CA ALA A 13 -1.17 -4.34 1.47
C ALA A 13 -0.50 -2.90 1.68
N LEU A 14 0.08 -2.25 0.63
CA LEU A 14 0.72 -0.88 0.72
C LEU A 14 -0.45 0.17 1.03
N ILE A 15 -1.63 0.13 0.36
CA ILE A 15 -2.81 1.07 0.58
C ILE A 15 -3.27 0.90 2.11
N LYS A 16 -3.44 -0.35 2.63
CA LYS A 16 -3.85 -0.63 4.06
C LYS A 16 -2.73 -0.01 5.03
N ARG A 17 -1.41 -0.20 4.77
CA ARG A 17 -0.28 0.36 5.62
C ARG A 17 -0.34 1.95 5.62
N ILE A 18 -0.55 2.65 4.46
CA ILE A 18 -0.64 4.16 4.37
C ILE A 18 -1.91 4.61 5.23
N GLN A 19 -3.09 3.94 5.11
CA GLN A 19 -4.35 4.26 5.89
C GLN A 19 -4.06 4.04 7.45
N ALA A 20 -3.29 3.00 7.87
CA ALA A 20 -2.95 2.72 9.30
C ALA A 20 -1.97 3.88 9.84
N MET A 21 -1.04 4.44 9.01
CA MET A 21 -0.13 5.52 9.44
C MET A 21 -0.89 6.93 9.51
N ILE A 22 -1.72 7.32 8.52
CA ILE A 22 -2.47 8.62 8.51
C ILE A 22 -3.99 8.39 8.77
N PRO A 23 -4.61 8.80 9.93
CA PRO A 23 -6.06 8.58 10.18
C PRO A 23 -7.04 9.54 9.40
N LYS A 24 -8.18 9.00 8.95
CA LYS A 24 -9.20 9.78 8.19
C LYS A 24 -10.18 10.57 9.15
N GLY A 25 -9.73 11.72 9.66
CA GLY A 25 -10.56 12.56 10.58
C GLY A 25 -9.80 13.74 11.17
N PHE A 1 4.64 5.53 -5.67
CA PHE A 1 5.56 4.74 -4.82
C PHE A 1 6.41 3.69 -5.65
N PRO A 2 7.76 3.52 -5.46
CA PRO A 2 8.55 2.53 -6.25
C PRO A 2 8.36 1.04 -5.76
N ILE A 3 7.42 0.32 -6.39
CA ILE A 3 7.11 -1.10 -6.07
C ILE A 3 8.02 -2.04 -6.95
N PRO A 4 8.97 -2.88 -6.41
CA PRO A 4 9.83 -3.77 -7.26
C PRO A 4 9.14 -4.78 -8.25
N LEU A 5 8.08 -5.46 -7.80
CA LEU A 5 7.32 -6.45 -8.61
C LEU A 5 5.81 -5.98 -8.69
N PRO A 6 5.27 -5.43 -9.82
CA PRO A 6 3.84 -4.98 -9.89
C PRO A 6 2.73 -6.08 -9.73
N TYR A 7 2.27 -6.27 -8.50
CA TYR A 7 1.22 -7.28 -8.16
C TYR A 7 -0.01 -6.64 -7.43
N CYS A 8 -1.25 -7.04 -7.78
CA CYS A 8 -2.50 -6.50 -7.14
C CYS A 8 -2.57 -6.67 -5.58
N TRP A 9 -2.25 -7.87 -5.04
CA TRP A 9 -2.26 -8.19 -3.56
C TRP A 9 -1.17 -7.32 -2.80
N LEU A 10 0.04 -7.10 -3.38
CA LEU A 10 1.15 -6.27 -2.76
C LEU A 10 0.60 -4.75 -2.74
N CYS A 11 0.02 -4.21 -3.85
CA CYS A 11 -0.56 -2.82 -3.95
C CYS A 11 -1.69 -2.65 -2.82
N ARG A 12 -2.60 -3.64 -2.63
CA ARG A 12 -3.69 -3.61 -1.57
C ARG A 12 -2.98 -3.53 -0.13
N ALA A 13 -1.93 -4.34 0.16
CA ALA A 13 -1.17 -4.34 1.47
C ALA A 13 -0.50 -2.90 1.68
N LEU A 14 0.08 -2.25 0.63
CA LEU A 14 0.72 -0.89 0.72
C LEU A 14 -0.45 0.17 1.03
N ILE A 15 -1.63 0.13 0.36
CA ILE A 15 -2.81 1.07 0.58
C ILE A 15 -3.28 0.89 2.11
N LYS A 16 -3.44 -0.35 2.63
CA LYS A 16 -3.85 -0.62 4.05
C LYS A 16 -2.73 -0.01 5.03
N ARG A 17 -1.41 -0.20 4.77
CA ARG A 17 -0.28 0.36 5.62
C ARG A 17 -0.34 1.95 5.62
N ILE A 18 -0.55 2.65 4.46
CA ILE A 18 -0.64 4.16 4.37
C ILE A 18 -1.91 4.61 5.23
N GLN A 19 -3.09 3.95 5.10
CA GLN A 19 -4.35 4.26 5.89
C GLN A 19 -4.06 4.04 7.45
N ALA A 20 -3.29 3.00 7.87
CA ALA A 20 -2.95 2.72 9.30
C ALA A 20 -1.97 3.88 9.84
N MET A 21 -1.04 4.44 9.01
CA MET A 21 -0.13 5.52 9.44
C MET A 21 -0.89 6.93 9.51
N ILE A 22 -1.72 7.32 8.51
CA ILE A 22 -2.47 8.62 8.51
C ILE A 22 -4.00 8.40 8.77
N PRO A 23 -4.62 8.79 9.93
CA PRO A 23 -6.07 8.57 10.18
C PRO A 23 -7.04 9.54 9.40
N LYS A 24 -8.17 8.99 8.93
CA LYS A 24 -9.19 9.77 8.17
C LYS A 24 -10.20 10.52 9.13
N GLY A 25 -9.80 11.69 9.65
CA GLY A 25 -10.66 12.48 10.56
C GLY A 25 -9.95 13.70 11.16
N PHE A 1 6.96 -0.44 -2.02
CA PHE A 1 7.24 0.99 -2.24
C PHE A 1 8.58 1.27 -3.02
N PRO A 2 9.84 0.93 -2.60
CA PRO A 2 11.07 1.23 -3.41
C PRO A 2 11.28 0.43 -4.74
N ILE A 3 10.92 -0.87 -4.79
CA ILE A 3 11.08 -1.72 -6.01
C ILE A 3 9.68 -1.74 -6.74
N PRO A 4 9.49 -1.26 -8.01
CA PRO A 4 8.17 -1.30 -8.68
C PRO A 4 7.71 -2.71 -9.19
N LEU A 5 7.06 -3.46 -8.30
CA LEU A 5 6.55 -4.84 -8.59
C LEU A 5 5.04 -4.80 -9.02
N PRO A 6 4.60 -5.14 -10.28
CA PRO A 6 3.17 -5.10 -10.68
C PRO A 6 2.31 -6.32 -10.20
N TYR A 7 1.96 -6.33 -8.90
CA TYR A 7 1.15 -7.40 -8.27
C TYR A 7 -0.01 -6.74 -7.44
N CYS A 8 -1.26 -7.04 -7.81
CA CYS A 8 -2.49 -6.50 -7.13
C CYS A 8 -2.57 -6.67 -5.57
N TRP A 9 -2.25 -7.87 -5.04
CA TRP A 9 -2.27 -8.18 -3.55
C TRP A 9 -1.17 -7.32 -2.80
N LEU A 10 0.05 -7.09 -3.38
CA LEU A 10 1.15 -6.27 -2.76
C LEU A 10 0.59 -4.76 -2.74
N CYS A 11 0.02 -4.22 -3.86
CA CYS A 11 -0.56 -2.82 -3.95
C CYS A 11 -1.69 -2.65 -2.82
N ARG A 12 -2.60 -3.64 -2.63
CA ARG A 12 -3.69 -3.61 -1.58
C ARG A 12 -2.98 -3.53 -0.13
N ALA A 13 -1.92 -4.35 0.16
CA ALA A 13 -1.17 -4.34 1.47
C ALA A 13 -0.50 -2.90 1.68
N LEU A 14 0.08 -2.25 0.63
CA LEU A 14 0.72 -0.88 0.72
C LEU A 14 -0.45 0.17 1.03
N ILE A 15 -1.64 0.14 0.36
CA ILE A 15 -2.80 1.09 0.61
C ILE A 15 -3.27 0.90 2.11
N LYS A 16 -3.44 -0.35 2.63
CA LYS A 16 -3.86 -0.63 4.05
C LYS A 16 -2.73 -0.01 5.03
N ARG A 17 -1.41 -0.20 4.77
CA ARG A 17 -0.28 0.36 5.62
C ARG A 17 -0.34 1.95 5.62
N ILE A 18 -0.55 2.64 4.46
CA ILE A 18 -0.64 4.16 4.35
C ILE A 18 -1.91 4.61 5.23
N GLN A 19 -3.09 3.95 5.10
CA GLN A 19 -4.35 4.26 5.89
C GLN A 19 -4.06 4.04 7.45
N ALA A 20 -3.29 3.00 7.87
CA ALA A 20 -2.95 2.72 9.30
C ALA A 20 -1.97 3.88 9.84
N MET A 21 -1.04 4.44 9.01
CA MET A 21 -0.13 5.52 9.44
C MET A 21 -0.89 6.93 9.51
N ILE A 22 -1.72 7.32 8.51
CA ILE A 22 -2.47 8.62 8.51
C ILE A 22 -4.00 8.40 8.77
N PRO A 23 -4.62 8.79 9.93
CA PRO A 23 -6.07 8.57 10.18
C PRO A 23 -7.04 9.54 9.40
N LYS A 24 -8.17 8.99 8.93
CA LYS A 24 -9.20 9.78 8.18
C LYS A 24 -10.19 10.54 9.13
N GLY A 25 -9.79 11.75 9.57
CA GLY A 25 -10.63 12.58 10.47
C GLY A 25 -9.94 13.86 10.94
N PHE A 1 10.48 2.05 -4.56
CA PHE A 1 11.96 2.10 -4.50
C PHE A 1 12.64 0.74 -4.05
N PRO A 2 12.47 0.16 -2.81
CA PRO A 2 13.14 -1.14 -2.45
C PRO A 2 12.64 -2.44 -3.17
N ILE A 3 11.31 -2.64 -3.30
CA ILE A 3 10.72 -3.84 -3.97
C ILE A 3 9.72 -3.41 -5.11
N PRO A 4 10.13 -2.98 -6.35
CA PRO A 4 9.17 -2.57 -7.42
C PRO A 4 8.52 -3.76 -8.21
N LEU A 5 7.61 -4.49 -7.56
CA LEU A 5 6.90 -5.65 -8.15
C LEU A 5 5.42 -5.28 -8.54
N PRO A 6 4.97 -5.27 -9.85
CA PRO A 6 3.56 -4.92 -10.21
C PRO A 6 2.53 -6.08 -9.97
N TYR A 7 2.16 -6.26 -8.69
CA TYR A 7 1.20 -7.30 -8.23
C TYR A 7 0.00 -6.65 -7.45
N CYS A 8 -1.25 -7.04 -7.80
CA CYS A 8 -2.49 -6.50 -7.13
C CYS A 8 -2.57 -6.67 -5.57
N TRP A 9 -2.25 -7.87 -5.04
CA TRP A 9 -2.27 -8.18 -3.55
C TRP A 9 -1.17 -7.32 -2.80
N LEU A 10 0.05 -7.09 -3.38
CA LEU A 10 1.14 -6.27 -2.75
C LEU A 10 0.59 -4.76 -2.74
N CYS A 11 0.02 -4.21 -3.85
CA CYS A 11 -0.56 -2.82 -3.95
C CYS A 11 -1.69 -2.65 -2.82
N ARG A 12 -2.60 -3.65 -2.62
CA ARG A 12 -3.69 -3.61 -1.58
C ARG A 12 -2.98 -3.53 -0.13
N ALA A 13 -1.92 -4.35 0.16
CA ALA A 13 -1.17 -4.34 1.47
C ALA A 13 -0.49 -2.90 1.69
N LEU A 14 0.08 -2.25 0.63
CA LEU A 14 0.72 -0.90 0.72
C LEU A 14 -0.45 0.17 1.03
N ILE A 15 -1.64 0.14 0.36
CA ILE A 15 -2.79 1.09 0.60
C ILE A 15 -3.27 0.90 2.11
N LYS A 16 -3.44 -0.35 2.63
CA LYS A 16 -3.86 -0.63 4.05
C LYS A 16 -2.74 -0.02 5.04
N ARG A 17 -1.41 -0.20 4.77
CA ARG A 17 -0.28 0.36 5.62
C ARG A 17 -0.34 1.95 5.62
N ILE A 18 -0.56 2.65 4.45
CA ILE A 18 -0.65 4.16 4.36
C ILE A 18 -1.91 4.61 5.24
N GLN A 19 -3.09 3.95 5.10
CA GLN A 19 -4.36 4.25 5.88
C GLN A 19 -4.07 4.03 7.44
N ALA A 20 -3.29 3.00 7.87
CA ALA A 20 -2.95 2.72 9.30
C ALA A 20 -1.97 3.88 9.84
N MET A 21 -1.04 4.44 9.01
CA MET A 21 -0.13 5.52 9.44
C MET A 21 -0.89 6.93 9.51
N ILE A 22 -1.72 7.32 8.52
CA ILE A 22 -2.47 8.62 8.51
C ILE A 22 -3.99 8.39 8.77
N PRO A 23 -4.61 8.79 9.94
CA PRO A 23 -6.07 8.58 10.18
C PRO A 23 -7.03 9.53 9.39
N LYS A 24 -8.13 8.96 8.88
CA LYS A 24 -9.15 9.72 8.09
C LYS A 24 -10.31 10.25 9.02
N GLY A 25 -10.06 11.40 9.68
CA GLY A 25 -11.07 12.02 10.59
C GLY A 25 -10.52 13.22 11.37
N PHE A 1 12.55 2.01 -14.38
CA PHE A 1 11.12 1.68 -14.62
C PHE A 1 10.20 2.13 -13.41
N PRO A 2 9.01 2.77 -13.59
CA PRO A 2 8.14 3.20 -12.43
C PRO A 2 7.55 2.10 -11.48
N ILE A 3 7.09 0.95 -12.00
CA ILE A 3 6.52 -0.15 -11.17
C ILE A 3 7.22 -1.53 -11.49
N PRO A 4 8.42 -1.88 -10.94
CA PRO A 4 9.10 -3.19 -11.25
C PRO A 4 8.29 -4.52 -11.05
N LEU A 5 7.49 -4.62 -9.97
CA LEU A 5 6.67 -5.81 -9.65
C LEU A 5 5.15 -5.38 -9.59
N PRO A 6 4.36 -5.35 -10.72
CA PRO A 6 2.93 -4.94 -10.67
C PRO A 6 1.94 -6.06 -10.16
N TYR A 7 2.02 -6.36 -8.87
CA TYR A 7 1.18 -7.40 -8.21
C TYR A 7 0.00 -6.74 -7.41
N CYS A 8 -1.25 -7.04 -7.80
CA CYS A 8 -2.49 -6.50 -7.13
C CYS A 8 -2.57 -6.67 -5.57
N TRP A 9 -2.25 -7.87 -5.04
CA TRP A 9 -2.26 -8.19 -3.56
C TRP A 9 -1.17 -7.32 -2.80
N LEU A 10 0.05 -7.09 -3.38
CA LEU A 10 1.15 -6.27 -2.76
C LEU A 10 0.59 -4.76 -2.74
N CYS A 11 0.02 -4.21 -3.87
CA CYS A 11 -0.56 -2.82 -3.95
C CYS A 11 -1.69 -2.65 -2.82
N ARG A 12 -2.60 -3.64 -2.63
CA ARG A 12 -3.69 -3.61 -1.57
C ARG A 12 -2.98 -3.53 -0.13
N ALA A 13 -1.93 -4.34 0.16
CA ALA A 13 -1.17 -4.34 1.47
C ALA A 13 -0.50 -2.90 1.68
N LEU A 14 0.08 -2.25 0.63
CA LEU A 14 0.72 -0.88 0.72
C LEU A 14 -0.45 0.17 1.03
N ILE A 15 -1.63 0.13 0.36
CA ILE A 15 -2.81 1.08 0.59
C ILE A 15 -3.27 0.90 2.11
N LYS A 16 -3.44 -0.35 2.63
CA LYS A 16 -3.85 -0.62 4.05
C LYS A 16 -2.73 -0.01 5.03
N ARG A 17 -1.41 -0.20 4.77
CA ARG A 17 -0.28 0.36 5.62
C ARG A 17 -0.34 1.95 5.62
N ILE A 18 -0.55 2.64 4.46
CA ILE A 18 -0.65 4.16 4.36
C ILE A 18 -1.91 4.61 5.23
N GLN A 19 -3.09 3.95 5.10
CA GLN A 19 -4.35 4.26 5.88
C GLN A 19 -4.06 4.04 7.45
N ALA A 20 -3.29 3.00 7.87
CA ALA A 20 -2.95 2.72 9.30
C ALA A 20 -1.97 3.88 9.84
N MET A 21 -1.04 4.44 9.01
CA MET A 21 -0.13 5.52 9.44
C MET A 21 -0.89 6.93 9.51
N ILE A 22 -1.72 7.32 8.52
CA ILE A 22 -2.47 8.62 8.51
C ILE A 22 -4.00 8.40 8.77
N PRO A 23 -4.61 8.79 9.93
CA PRO A 23 -6.06 8.58 10.18
C PRO A 23 -7.03 9.53 9.39
N LYS A 24 -8.14 8.98 8.86
CA LYS A 24 -9.15 9.76 8.10
C LYS A 24 -10.58 9.48 8.64
N GLY A 25 -11.08 10.34 9.54
CA GLY A 25 -12.43 10.19 10.14
C GLY A 25 -12.82 11.31 11.10
N PHE A 1 16.60 -1.73 -9.72
CA PHE A 1 16.18 -1.66 -11.15
C PHE A 1 14.61 -1.54 -11.32
N PRO A 2 14.03 -0.67 -12.19
CA PRO A 2 12.54 -0.56 -12.35
C PRO A 2 11.91 -1.74 -13.18
N ILE A 3 11.50 -2.80 -12.48
CA ILE A 3 10.87 -4.01 -13.10
C ILE A 3 9.31 -3.80 -13.19
N PRO A 4 8.62 -3.78 -14.37
CA PRO A 4 7.15 -3.57 -14.44
C PRO A 4 6.28 -4.85 -14.10
N LEU A 5 6.14 -5.14 -12.81
CA LEU A 5 5.36 -6.31 -12.30
C LEU A 5 3.95 -5.88 -11.75
N PRO A 6 2.77 -6.20 -12.36
CA PRO A 6 1.44 -5.77 -11.83
C PRO A 6 0.90 -6.70 -10.68
N TYR A 7 1.52 -6.59 -9.49
CA TYR A 7 1.14 -7.39 -8.29
C TYR A 7 0.00 -6.70 -7.46
N CYS A 8 -1.26 -7.05 -7.80
CA CYS A 8 -2.49 -6.50 -7.13
C CYS A 8 -2.57 -6.67 -5.57
N TRP A 9 -2.25 -7.87 -5.04
CA TRP A 9 -2.26 -8.19 -3.56
C TRP A 9 -1.17 -7.32 -2.80
N LEU A 10 0.05 -7.10 -3.37
CA LEU A 10 1.14 -6.27 -2.75
C LEU A 10 0.59 -4.76 -2.74
N CYS A 11 0.02 -4.21 -3.85
CA CYS A 11 -0.56 -2.82 -3.95
C CYS A 11 -1.69 -2.65 -2.82
N ARG A 12 -2.60 -3.64 -2.63
CA ARG A 12 -3.69 -3.61 -1.57
C ARG A 12 -2.98 -3.53 -0.13
N ALA A 13 -1.93 -4.34 0.16
CA ALA A 13 -1.17 -4.34 1.47
C ALA A 13 -0.50 -2.90 1.68
N LEU A 14 0.08 -2.25 0.63
CA LEU A 14 0.72 -0.89 0.72
C LEU A 14 -0.45 0.17 1.03
N ILE A 15 -1.63 0.13 0.36
CA ILE A 15 -2.81 1.07 0.58
C ILE A 15 -3.27 0.90 2.11
N LYS A 16 -3.44 -0.35 2.63
CA LYS A 16 -3.85 -0.62 4.05
C LYS A 16 -2.73 -0.01 5.03
N ARG A 17 -1.41 -0.20 4.77
CA ARG A 17 -0.28 0.36 5.62
C ARG A 17 -0.34 1.95 5.62
N ILE A 18 -0.55 2.65 4.46
CA ILE A 18 -0.64 4.16 4.37
C ILE A 18 -1.91 4.61 5.23
N GLN A 19 -3.09 3.94 5.11
CA GLN A 19 -4.35 4.26 5.89
C GLN A 19 -4.06 4.04 7.45
N ALA A 20 -3.29 3.00 7.87
CA ALA A 20 -2.95 2.72 9.30
C ALA A 20 -1.97 3.88 9.84
N MET A 21 -1.04 4.44 9.01
CA MET A 21 -0.13 5.52 9.44
C MET A 21 -0.89 6.93 9.51
N ILE A 22 -1.72 7.32 8.52
CA ILE A 22 -2.47 8.62 8.51
C ILE A 22 -3.99 8.39 8.77
N PRO A 23 -4.61 8.79 9.94
CA PRO A 23 -6.06 8.58 10.18
C PRO A 23 -7.03 9.53 9.39
N LYS A 24 -8.16 8.98 8.92
CA LYS A 24 -9.18 9.75 8.14
C LYS A 24 -10.19 10.51 9.09
N GLY A 25 -9.81 11.71 9.55
CA GLY A 25 -10.66 12.53 10.44
C GLY A 25 -9.95 13.77 10.98
N PHE A 1 5.28 3.34 -8.41
CA PHE A 1 5.49 2.09 -9.20
C PHE A 1 6.88 2.11 -9.95
N PRO A 2 8.05 1.79 -9.33
CA PRO A 2 9.37 1.80 -10.04
C PRO A 2 9.69 0.57 -10.95
N ILE A 3 9.38 -0.65 -10.50
CA ILE A 3 9.63 -1.91 -11.26
C ILE A 3 8.34 -2.31 -12.08
N PRO A 4 8.37 -2.68 -13.40
CA PRO A 4 7.14 -3.05 -14.15
C PRO A 4 6.56 -4.49 -13.86
N LEU A 5 6.04 -4.67 -12.65
CA LEU A 5 5.45 -5.95 -12.17
C LEU A 5 4.01 -5.67 -11.58
N PRO A 6 2.86 -5.85 -12.31
CA PRO A 6 1.50 -5.58 -11.74
C PRO A 6 0.95 -6.57 -10.64
N TYR A 7 1.54 -6.52 -9.43
CA TYR A 7 1.15 -7.38 -8.28
C TYR A 7 0.00 -6.71 -7.45
N CYS A 8 -1.25 -7.03 -7.80
CA CYS A 8 -2.49 -6.50 -7.13
C CYS A 8 -2.57 -6.67 -5.57
N TRP A 9 -2.25 -7.87 -5.04
CA TRP A 9 -2.26 -8.19 -3.56
C TRP A 9 -1.17 -7.32 -2.80
N LEU A 10 0.05 -7.09 -3.38
CA LEU A 10 1.14 -6.27 -2.75
C LEU A 10 0.59 -4.76 -2.74
N CYS A 11 0.02 -4.21 -3.85
CA CYS A 11 -0.56 -2.82 -3.95
C CYS A 11 -1.69 -2.65 -2.82
N ARG A 12 -2.60 -3.64 -2.63
CA ARG A 12 -3.69 -3.61 -1.57
C ARG A 12 -2.98 -3.53 -0.13
N ALA A 13 -1.92 -4.35 0.16
CA ALA A 13 -1.17 -4.34 1.47
C ALA A 13 -0.49 -2.89 1.68
N LEU A 14 0.08 -2.25 0.63
CA LEU A 14 0.72 -0.88 0.72
C LEU A 14 -0.45 0.17 1.03
N ILE A 15 -1.63 0.13 0.36
CA ILE A 15 -2.81 1.07 0.58
C ILE A 15 -3.27 0.90 2.11
N LYS A 16 -3.44 -0.35 2.63
CA LYS A 16 -3.85 -0.62 4.05
C LYS A 16 -2.73 -0.02 5.04
N ARG A 17 -1.41 -0.20 4.77
CA ARG A 17 -0.28 0.36 5.62
C ARG A 17 -0.34 1.95 5.62
N ILE A 18 -0.55 2.65 4.46
CA ILE A 18 -0.64 4.16 4.37
C ILE A 18 -1.91 4.61 5.23
N GLN A 19 -3.09 3.95 5.10
CA GLN A 19 -4.35 4.26 5.89
C GLN A 19 -4.07 4.03 7.44
N ALA A 20 -3.29 3.00 7.87
CA ALA A 20 -2.95 2.72 9.30
C ALA A 20 -1.97 3.88 9.84
N MET A 21 -1.04 4.44 9.01
CA MET A 21 -0.13 5.52 9.44
C MET A 21 -0.89 6.93 9.51
N ILE A 22 -1.72 7.32 8.52
CA ILE A 22 -2.47 8.62 8.51
C ILE A 22 -3.99 8.39 8.77
N PRO A 23 -4.61 8.80 9.93
CA PRO A 23 -6.06 8.58 10.18
C PRO A 23 -7.03 9.53 9.39
N LYS A 24 -8.14 8.97 8.88
CA LYS A 24 -9.16 9.74 8.12
C LYS A 24 -10.21 10.43 9.05
N GLY A 25 -9.88 11.63 9.57
CA GLY A 25 -10.79 12.40 10.47
C GLY A 25 -10.95 11.86 11.90
N PHE A 1 15.25 -2.82 -0.82
CA PHE A 1 15.29 -3.75 -1.98
C PHE A 1 14.41 -3.21 -3.17
N PRO A 2 14.95 -2.47 -4.20
CA PRO A 2 14.12 -1.96 -5.33
C PRO A 2 13.73 -3.01 -6.44
N ILE A 3 12.61 -3.71 -6.23
CA ILE A 3 12.08 -4.75 -7.17
C ILE A 3 10.82 -4.24 -7.96
N PRO A 4 10.85 -3.90 -9.29
CA PRO A 4 9.64 -3.42 -10.03
C PRO A 4 8.65 -4.55 -10.50
N LEU A 5 7.80 -5.03 -9.59
CA LEU A 5 6.80 -6.10 -9.87
C LEU A 5 5.32 -5.60 -9.68
N PRO A 6 4.48 -5.29 -10.73
CA PRO A 6 3.08 -4.81 -10.52
C PRO A 6 2.03 -5.89 -10.09
N TYR A 7 2.10 -6.32 -8.81
CA TYR A 7 1.18 -7.34 -8.24
C TYR A 7 0.00 -6.69 -7.45
N CYS A 8 -1.25 -7.04 -7.80
CA CYS A 8 -2.49 -6.50 -7.13
C CYS A 8 -2.57 -6.67 -5.57
N TRP A 9 -2.25 -7.87 -5.04
CA TRP A 9 -2.27 -8.18 -3.55
C TRP A 9 -1.17 -7.32 -2.80
N LEU A 10 0.05 -7.09 -3.38
CA LEU A 10 1.15 -6.27 -2.76
C LEU A 10 0.59 -4.76 -2.74
N CYS A 11 0.02 -4.21 -3.85
CA CYS A 11 -0.56 -2.82 -3.95
C CYS A 11 -1.69 -2.65 -2.82
N ARG A 12 -2.60 -3.64 -2.63
CA ARG A 12 -3.69 -3.61 -1.57
C ARG A 12 -2.98 -3.53 -0.13
N ALA A 13 -1.92 -4.35 0.16
CA ALA A 13 -1.17 -4.34 1.47
C ALA A 13 -0.49 -2.89 1.68
N LEU A 14 0.08 -2.25 0.63
CA LEU A 14 0.72 -0.88 0.72
C LEU A 14 -0.45 0.17 1.03
N ILE A 15 -1.63 0.13 0.36
CA ILE A 15 -2.81 1.08 0.59
C ILE A 15 -3.27 0.90 2.11
N LYS A 16 -3.44 -0.35 2.63
CA LYS A 16 -3.86 -0.62 4.06
C LYS A 16 -2.73 -0.01 5.03
N ARG A 17 -1.41 -0.20 4.77
CA ARG A 17 -0.28 0.36 5.62
C ARG A 17 -0.34 1.95 5.62
N ILE A 18 -0.55 2.64 4.46
CA ILE A 18 -0.65 4.16 4.36
C ILE A 18 -1.91 4.61 5.23
N GLN A 19 -3.09 3.95 5.10
CA GLN A 19 -4.36 4.25 5.88
C GLN A 19 -4.06 4.04 7.45
N ALA A 20 -3.29 3.00 7.87
CA ALA A 20 -2.95 2.72 9.30
C ALA A 20 -1.97 3.88 9.84
N MET A 21 -1.04 4.44 9.01
CA MET A 21 -0.13 5.52 9.44
C MET A 21 -0.89 6.93 9.51
N ILE A 22 -1.72 7.32 8.52
CA ILE A 22 -2.47 8.62 8.51
C ILE A 22 -3.99 8.39 8.77
N PRO A 23 -4.61 8.80 9.93
CA PRO A 23 -6.06 8.58 10.18
C PRO A 23 -7.04 9.54 9.40
N LYS A 24 -8.17 8.99 8.94
CA LYS A 24 -9.19 9.76 8.17
C LYS A 24 -10.17 10.53 9.13
N GLY A 25 -9.78 11.72 9.59
CA GLY A 25 -10.61 12.56 10.50
C GLY A 25 -10.74 12.08 11.96
N PHE A 1 8.92 3.74 -12.54
CA PHE A 1 7.81 3.36 -11.62
C PHE A 1 8.28 3.13 -10.13
N PRO A 2 7.55 3.56 -9.05
CA PRO A 2 8.00 3.34 -7.63
C PRO A 2 8.05 1.91 -7.00
N ILE A 3 7.18 0.96 -7.41
CA ILE A 3 7.16 -0.43 -6.85
C ILE A 3 7.66 -1.41 -7.98
N PRO A 4 8.92 -1.95 -8.00
CA PRO A 4 9.40 -2.89 -9.07
C PRO A 4 8.54 -4.12 -9.51
N LEU A 5 7.78 -4.73 -8.59
CA LEU A 5 6.92 -5.91 -8.88
C LEU A 5 5.42 -5.43 -8.98
N PRO A 6 4.77 -5.29 -10.18
CA PRO A 6 3.35 -4.83 -10.26
C PRO A 6 2.30 -5.97 -9.96
N TYR A 7 2.14 -6.30 -8.68
CA TYR A 7 1.20 -7.35 -8.19
C TYR A 7 0.01 -6.72 -7.41
N CYS A 8 -1.25 -7.04 -7.80
CA CYS A 8 -2.49 -6.50 -7.13
C CYS A 8 -2.57 -6.67 -5.57
N TRP A 9 -2.24 -7.87 -5.03
CA TRP A 9 -2.26 -8.19 -3.56
C TRP A 9 -1.17 -7.32 -2.80
N LEU A 10 0.04 -7.10 -3.38
CA LEU A 10 1.15 -6.27 -2.76
C LEU A 10 0.59 -4.76 -2.74
N CYS A 11 0.02 -4.21 -3.85
CA CYS A 11 -0.56 -2.82 -3.95
C CYS A 11 -1.69 -2.65 -2.82
N ARG A 12 -2.60 -3.65 -2.62
CA ARG A 12 -3.69 -3.61 -1.58
C ARG A 12 -2.98 -3.53 -0.13
N ALA A 13 -1.92 -4.35 0.16
CA ALA A 13 -1.17 -4.34 1.47
C ALA A 13 -0.49 -2.89 1.68
N LEU A 14 0.08 -2.25 0.63
CA LEU A 14 0.72 -0.89 0.72
C LEU A 14 -0.45 0.17 1.03
N ILE A 15 -1.64 0.14 0.36
CA ILE A 15 -2.80 1.09 0.61
C ILE A 15 -3.27 0.90 2.11
N LYS A 16 -3.44 -0.35 2.63
CA LYS A 16 -3.86 -0.62 4.06
C LYS A 16 -2.73 -0.01 5.03
N ARG A 17 -1.41 -0.20 4.77
CA ARG A 17 -0.28 0.36 5.62
C ARG A 17 -0.34 1.95 5.62
N ILE A 18 -0.55 2.64 4.46
CA ILE A 18 -0.65 4.16 4.36
C ILE A 18 -1.91 4.61 5.23
N GLN A 19 -3.09 3.95 5.10
CA GLN A 19 -4.36 4.25 5.88
C GLN A 19 -4.07 4.03 7.44
N ALA A 20 -3.29 3.00 7.87
CA ALA A 20 -2.95 2.72 9.30
C ALA A 20 -1.97 3.88 9.84
N MET A 21 -1.04 4.44 9.01
CA MET A 21 -0.13 5.52 9.44
C MET A 21 -0.89 6.93 9.51
N ILE A 22 -1.72 7.32 8.52
CA ILE A 22 -2.47 8.62 8.51
C ILE A 22 -3.99 8.39 8.77
N PRO A 23 -4.61 8.80 9.93
CA PRO A 23 -6.07 8.56 10.17
C PRO A 23 -7.04 9.53 9.41
N LYS A 24 -8.20 9.01 8.97
CA LYS A 24 -9.21 9.81 8.22
C LYS A 24 -10.18 10.60 9.19
N GLY A 25 -9.71 11.75 9.69
CA GLY A 25 -10.51 12.60 10.61
C GLY A 25 -9.72 13.78 11.21
#